data_3PUT
#
_entry.id   3PUT
#
_cell.length_a   38.515
_cell.length_b   76.931
_cell.length_c   55.742
_cell.angle_alpha   90.000
_cell.angle_beta   97.640
_cell.angle_gamma   90.000
#
_symmetry.space_group_name_H-M   'P 1 21 1'
#
loop_
_entity.id
_entity.type
_entity.pdbx_description
1 polymer 'Hypothetical conserved protein'
2 non-polymer HEXANE-1,6-DIOL
3 water water
#
_entity_poly.entity_id   1
_entity_poly.type   'polypeptide(L)'
_entity_poly.pdbx_seq_one_letter_code
;(MSE)TTRSAEHTTFVIERRLTAPVARVFRAWSTPESKRQWFACHGEWVPLEYALDFRPGGTERNYTADTDGLLHAYDAR
YIDIVPDTRIIYAYE(MSE)KLGQTRISASLVTVAFDVEPSGTR(MSE)VFTEQVVFLDGYGDNGARLQGTEIGLDNLEL
FLVRETSPIHLEHHHHHH
;
_entity_poly.pdbx_strand_id   A,B
#
loop_
_chem_comp.id
_chem_comp.type
_chem_comp.name
_chem_comp.formula
HEZ non-polymer HEXANE-1,6-DIOL 'C6 H14 O2'
#
# COMPACT_ATOMS: atom_id res chain seq x y z
N THR A 2 -12.47 15.32 15.60
CA THR A 2 -13.24 15.79 14.46
C THR A 2 -13.57 14.63 13.54
N THR A 3 -13.44 14.87 12.24
CA THR A 3 -13.60 13.81 11.26
C THR A 3 -12.34 12.95 11.23
N ARG A 4 -12.40 11.79 11.87
CA ARG A 4 -11.51 10.71 11.47
C ARG A 4 -12.29 10.00 10.37
N SER A 5 -11.69 9.86 9.20
CA SER A 5 -12.39 9.31 8.06
C SER A 5 -11.41 8.99 6.95
N ALA A 6 -11.85 8.24 5.97
CA ALA A 6 -10.96 7.83 4.88
C ALA A 6 -11.73 7.79 3.57
N GLU A 7 -11.14 8.37 2.54
CA GLU A 7 -11.75 8.40 1.22
C GLU A 7 -10.77 7.72 0.28
N HIS A 8 -11.24 6.72 -0.44
CA HIS A 8 -10.38 5.96 -1.34
C HIS A 8 -10.66 6.29 -2.80
N THR A 9 -9.62 6.29 -3.61
CA THR A 9 -9.83 6.45 -5.04
C THR A 9 -8.63 5.89 -5.77
N THR A 10 -8.80 5.69 -7.07
CA THR A 10 -7.73 5.21 -7.93
C THR A 10 -7.72 6.15 -9.13
N PHE A 11 -6.53 6.50 -9.60
CA PHE A 11 -6.41 7.17 -10.89
C PHE A 11 -5.29 6.55 -11.72
N VAL A 12 -5.39 6.73 -13.04
CA VAL A 12 -4.44 6.15 -13.99
C VAL A 12 -4.03 7.22 -14.99
N ILE A 13 -2.73 7.30 -15.24
CA ILE A 13 -2.19 8.21 -16.25
C ILE A 13 -1.36 7.40 -17.23
N GLU A 14 -1.63 7.58 -18.52
CA GLU A 14 -0.87 6.88 -19.56
C GLU A 14 -0.16 7.87 -20.47
N ARG A 15 1.12 7.61 -20.75
CA ARG A 15 1.92 8.51 -21.57
C ARG A 15 2.74 7.68 -22.54
N ARG A 16 2.91 8.18 -23.75
CA ARG A 16 3.92 7.61 -24.64
C ARG A 16 5.13 8.52 -24.52
N LEU A 17 6.26 7.95 -24.16
CA LEU A 17 7.47 8.73 -23.97
C LEU A 17 8.33 8.49 -25.18
N THR A 18 8.96 9.54 -25.70
CA THR A 18 9.81 9.40 -26.88
C THR A 18 11.26 9.16 -26.49
N ALA A 19 11.47 8.21 -25.58
CA ALA A 19 12.81 7.88 -25.14
C ALA A 19 12.84 6.37 -24.97
N PRO A 20 14.04 5.76 -25.08
CA PRO A 20 14.11 4.30 -24.91
C PRO A 20 13.91 3.91 -23.44
N VAL A 21 13.34 2.72 -23.24
CA VAL A 21 12.94 2.31 -21.91
C VAL A 21 14.09 2.30 -20.89
N ALA A 22 15.31 1.95 -21.32
CA ALA A 22 16.44 1.96 -20.39
C ALA A 22 16.69 3.37 -19.85
N ARG A 23 16.55 4.39 -20.70
CA ARG A 23 16.75 5.77 -20.27
C ARG A 23 15.60 6.22 -19.39
N VAL A 24 14.38 5.85 -19.76
CA VAL A 24 13.22 6.20 -18.95
C VAL A 24 13.39 5.64 -17.55
N PHE A 25 13.79 4.38 -17.46
CA PHE A 25 13.91 3.72 -16.16
C PHE A 25 15.00 4.36 -15.29
N ARG A 26 16.14 4.70 -15.89
CA ARG A 26 17.20 5.41 -15.18
C ARG A 26 16.76 6.76 -14.59
N ALA A 27 15.74 7.38 -15.18
CA ALA A 27 15.21 8.65 -14.65
C ALA A 27 14.48 8.40 -13.34
N TRP A 28 14.06 7.15 -13.12
CA TRP A 28 13.43 6.75 -11.86
C TRP A 28 14.42 6.16 -10.88
N SER A 29 15.46 5.51 -11.39
CA SER A 29 16.33 4.72 -10.51
C SER A 29 17.55 5.51 -10.02
N THR A 30 17.84 6.62 -10.68
CA THR A 30 19.03 7.41 -10.38
C THR A 30 18.68 8.56 -9.44
N PRO A 31 19.30 8.61 -8.24
CA PRO A 31 18.92 9.63 -7.24
C PRO A 31 19.03 11.06 -7.79
N GLU A 32 20.14 11.41 -8.44
CA GLU A 32 20.29 12.75 -8.98
C GLU A 32 19.17 13.08 -9.98
N SER A 33 18.80 12.13 -10.81
CA SER A 33 17.80 12.37 -11.85
C SER A 33 16.41 12.53 -11.26
N LYS A 34 16.04 11.60 -10.37
CA LYS A 34 14.73 11.64 -9.80
C LYS A 34 14.56 12.90 -8.96
N ARG A 35 15.59 13.28 -8.21
CA ARG A 35 15.53 14.49 -7.39
C ARG A 35 15.24 15.70 -8.28
N GLN A 36 15.91 15.74 -9.42
CA GLN A 36 15.73 16.83 -10.37
C GLN A 36 14.30 16.99 -10.88
N TRP A 37 13.71 15.94 -11.45
CA TRP A 37 12.41 16.12 -12.10
C TRP A 37 11.23 16.01 -11.15
N PHE A 38 11.42 15.24 -10.07
CA PHE A 38 10.34 15.01 -9.11
C PHE A 38 10.33 16.05 -7.99
N ALA A 39 11.49 16.30 -7.40
CA ALA A 39 11.57 17.07 -6.16
C ALA A 39 11.87 18.55 -6.40
N CYS A 40 12.54 18.86 -7.50
CA CYS A 40 12.94 20.23 -7.79
C CYS A 40 12.04 20.86 -8.84
N HIS A 41 11.13 21.73 -8.41
CA HIS A 41 10.18 22.33 -9.33
C HIS A 41 9.49 23.54 -8.70
N VAL A 45 13.11 23.40 -4.18
CA VAL A 45 14.20 22.50 -3.80
C VAL A 45 14.00 21.87 -2.41
N PRO A 46 14.25 20.56 -2.29
CA PRO A 46 14.01 19.87 -1.01
C PRO A 46 15.03 20.18 0.11
N LEU A 47 14.58 20.06 1.35
CA LEU A 47 15.45 20.12 2.52
C LEU A 47 16.16 18.79 2.69
N GLU A 48 15.47 17.72 2.31
CA GLU A 48 16.01 16.38 2.37
C GLU A 48 15.49 15.54 1.22
N TYR A 49 16.40 14.86 0.52
CA TYR A 49 16.00 13.92 -0.53
C TYR A 49 16.93 12.73 -0.46
N ALA A 50 16.37 11.52 -0.49
CA ALA A 50 17.19 10.32 -0.58
C ALA A 50 16.44 9.28 -1.39
N LEU A 51 17.19 8.46 -2.12
CA LEU A 51 16.61 7.39 -2.90
C LEU A 51 17.45 6.13 -2.77
N ASP A 52 16.83 5.05 -2.31
CA ASP A 52 17.46 3.74 -2.30
C ASP A 52 16.57 2.82 -3.15
N PHE A 53 16.94 2.69 -4.43
CA PHE A 53 16.07 2.10 -5.43
C PHE A 53 16.27 0.56 -5.48
N ARG A 54 15.65 -0.11 -4.53
CA ARG A 54 15.71 -1.57 -4.37
C ARG A 54 14.42 -1.97 -3.69
N PRO A 55 13.93 -3.19 -3.96
CA PRO A 55 12.78 -3.64 -3.17
C PRO A 55 13.16 -3.56 -1.70
N GLY A 56 12.27 -3.05 -0.86
CA GLY A 56 12.57 -2.79 0.53
C GLY A 56 13.28 -1.46 0.78
N GLY A 57 13.77 -0.83 -0.30
CA GLY A 57 14.44 0.45 -0.19
C GLY A 57 13.47 1.59 0.06
N THR A 58 13.98 2.74 0.49
CA THR A 58 13.11 3.87 0.81
C THR A 58 13.47 5.08 -0.05
N GLU A 59 12.49 5.98 -0.21
CA GLU A 59 12.71 7.28 -0.83
C GLU A 59 12.11 8.33 0.08
N ARG A 60 12.82 9.45 0.23
CA ARG A 60 12.32 10.57 1.03
C ARG A 60 12.42 11.83 0.23
N ASN A 61 11.39 12.66 0.31
CA ASN A 61 11.44 13.99 -0.26
C ASN A 61 10.77 14.96 0.72
N TYR A 62 11.56 15.71 1.48
CA TYR A 62 11.02 16.65 2.46
C TYR A 62 11.27 18.08 1.98
N THR A 63 10.20 18.88 1.85
CA THR A 63 10.30 20.22 1.31
C THR A 63 9.40 21.16 2.11
N ALA A 64 9.88 22.37 2.41
CA ALA A 64 9.04 23.35 3.11
C ALA A 64 8.38 24.29 2.11
N ASP A 65 7.09 24.57 2.29
CA ASP A 65 6.44 25.51 1.39
C ASP A 65 6.76 26.94 1.79
N THR A 66 6.30 27.91 1.01
CA THR A 66 6.72 29.29 1.22
C THR A 66 6.39 29.81 2.62
N ASP A 67 5.44 29.18 3.29
CA ASP A 67 5.06 29.65 4.63
C ASP A 67 5.56 28.77 5.77
N GLY A 68 6.50 27.88 5.48
CA GLY A 68 7.18 27.12 6.52
C GLY A 68 6.62 25.75 6.84
N LEU A 69 5.56 25.34 6.15
CA LEU A 69 4.95 24.06 6.43
C LEU A 69 5.76 22.98 5.75
N LEU A 70 6.16 21.95 6.50
CA LEU A 70 6.97 20.88 5.93
C LEU A 70 6.10 19.86 5.22
N HIS A 71 6.39 19.61 3.95
CA HIS A 71 5.70 18.58 3.18
C HIS A 71 6.63 17.36 3.12
N ALA A 72 6.21 16.26 3.73
CA ALA A 72 7.08 15.12 3.86
C ALA A 72 6.52 13.93 3.09
N TYR A 73 7.26 13.53 2.07
CA TYR A 73 6.94 12.40 1.25
C TYR A 73 7.87 11.27 1.68
N ASP A 74 7.31 10.12 2.06
CA ASP A 74 8.13 8.94 2.40
C ASP A 74 7.58 7.74 1.64
N ALA A 75 8.44 7.05 0.90
CA ALA A 75 8.02 5.91 0.10
C ALA A 75 8.88 4.69 0.41
N ARG A 76 8.32 3.50 0.18
CA ARG A 76 9.07 2.27 0.29
C ARG A 76 8.77 1.43 -0.92
N TYR A 77 9.83 0.97 -1.59
CA TYR A 77 9.67 0.17 -2.80
C TYR A 77 9.27 -1.24 -2.41
N ILE A 78 8.35 -1.82 -3.18
CA ILE A 78 7.83 -3.14 -2.91
C ILE A 78 8.34 -4.12 -3.98
N ASP A 79 8.32 -3.69 -5.23
CA ASP A 79 8.61 -4.56 -6.37
C ASP A 79 9.30 -3.73 -7.45
N ILE A 80 10.47 -4.17 -7.90
CA ILE A 80 11.14 -3.47 -8.99
C ILE A 80 11.57 -4.50 -10.01
N VAL A 81 11.04 -4.38 -11.22
CA VAL A 81 11.48 -5.22 -12.35
C VAL A 81 12.20 -4.32 -13.36
N PRO A 82 13.51 -4.48 -13.49
CA PRO A 82 14.33 -3.63 -14.36
C PRO A 82 13.69 -3.34 -15.71
N ASP A 83 13.55 -2.05 -16.03
CA ASP A 83 12.98 -1.59 -17.30
C ASP A 83 11.57 -2.08 -17.56
N THR A 84 10.84 -2.42 -16.51
CA THR A 84 9.53 -3.03 -16.68
C THR A 84 8.47 -2.52 -15.71
N ARG A 85 8.80 -2.46 -14.42
CA ARG A 85 7.80 -2.11 -13.43
C ARG A 85 8.40 -1.62 -12.13
N ILE A 86 7.71 -0.69 -11.49
CA ILE A 86 8.08 -0.21 -10.17
C ILE A 86 6.79 -0.15 -9.36
N ILE A 87 6.80 -0.77 -8.20
CA ILE A 87 5.67 -0.68 -7.30
C ILE A 87 6.22 -0.14 -5.99
N TYR A 88 5.57 0.90 -5.46
CA TYR A 88 5.92 1.40 -4.15
C TYR A 88 4.70 1.89 -3.41
N ALA A 89 4.82 1.98 -2.09
CA ALA A 89 3.77 2.58 -1.25
C ALA A 89 4.36 3.87 -0.68
N TYR A 90 3.54 4.89 -0.51
CA TYR A 90 4.07 6.12 0.06
C TYR A 90 3.04 6.80 0.93
N GLU A 91 3.52 7.69 1.79
CA GLU A 91 2.65 8.44 2.66
C GLU A 91 3.07 9.88 2.53
N MSE A 92 2.11 10.78 2.71
CA MSE A 92 2.39 12.19 2.65
C MSE A 92 1.94 12.76 3.98
O MSE A 92 0.80 12.51 4.39
CB MSE A 92 1.62 12.85 1.51
CG MSE A 92 2.42 13.06 0.23
SE MSE A 92 3.67 14.55 0.43
CE MSE A 92 2.48 15.91 1.15
N LYS A 93 2.83 13.48 4.66
CA LYS A 93 2.49 14.19 5.89
C LYS A 93 2.72 15.66 5.64
N LEU A 94 1.88 16.49 6.24
CA LEU A 94 2.10 17.93 6.28
C LEU A 94 2.32 18.30 7.74
N GLY A 95 3.51 18.79 8.07
CA GLY A 95 3.89 18.93 9.47
C GLY A 95 3.90 17.53 10.06
N GLN A 96 3.18 17.33 11.16
CA GLN A 96 3.13 16.00 11.75
C GLN A 96 1.85 15.26 11.36
N THR A 97 1.12 15.80 10.40
CA THR A 97 -0.22 15.28 10.08
C THR A 97 -0.22 14.46 8.79
N ARG A 98 -0.45 13.16 8.91
CA ARG A 98 -0.53 12.31 7.73
C ARG A 98 -1.79 12.66 6.95
N ILE A 99 -1.67 12.91 5.67
CA ILE A 99 -2.84 13.26 4.88
C ILE A 99 -3.25 12.17 3.90
N SER A 100 -2.32 11.29 3.55
CA SER A 100 -2.63 10.23 2.61
C SER A 100 -1.62 9.10 2.65
N ALA A 101 -2.07 7.95 2.15
CA ALA A 101 -1.18 6.84 1.82
C ALA A 101 -1.60 6.30 0.47
N SER A 102 -0.65 5.79 -0.30
CA SER A 102 -0.95 5.35 -1.66
C SER A 102 -0.12 4.12 -2.00
N LEU A 103 -0.65 3.32 -2.91
CA LEU A 103 0.12 2.26 -3.56
C LEU A 103 0.22 2.67 -5.02
N VAL A 104 1.44 2.74 -5.53
CA VAL A 104 1.68 3.20 -6.88
C VAL A 104 2.32 2.11 -7.71
N THR A 105 1.78 1.90 -8.91
CA THR A 105 2.32 0.98 -9.90
C THR A 105 2.70 1.78 -11.15
N VAL A 106 3.95 1.66 -11.55
CA VAL A 106 4.43 2.30 -12.77
C VAL A 106 4.89 1.17 -13.67
N ALA A 107 4.26 1.02 -14.82
CA ALA A 107 4.60 -0.07 -15.74
C ALA A 107 5.10 0.53 -17.04
N PHE A 108 6.14 -0.09 -17.61
CA PHE A 108 6.78 0.42 -18.81
C PHE A 108 6.74 -0.67 -19.88
N ASP A 109 6.47 -0.26 -21.12
CA ASP A 109 6.43 -1.20 -22.23
C ASP A 109 7.05 -0.61 -23.48
N VAL A 110 7.92 -1.40 -24.10
CA VAL A 110 8.58 -0.99 -25.33
C VAL A 110 7.59 -0.92 -26.49
N GLU A 111 7.62 0.20 -27.21
CA GLU A 111 6.88 0.30 -28.45
C GLU A 111 7.86 0.39 -29.61
N PRO A 112 7.40 0.12 -30.83
CA PRO A 112 8.32 0.17 -31.98
C PRO A 112 9.22 1.42 -31.99
N SER A 113 8.74 2.54 -31.45
CA SER A 113 9.60 3.69 -31.26
C SER A 113 9.90 3.99 -29.78
N GLY A 114 8.98 4.65 -29.10
CA GLY A 114 9.23 5.06 -27.73
C GLY A 114 8.92 4.03 -26.65
N THR A 115 8.44 4.52 -25.52
CA THR A 115 8.09 3.71 -24.37
C THR A 115 6.68 4.09 -23.95
N ARG A 116 5.83 3.11 -23.67
CA ARG A 116 4.56 3.44 -23.08
C ARG A 116 4.68 3.30 -21.57
N MSE A 117 4.17 4.28 -20.84
CA MSE A 117 4.25 4.26 -19.39
C MSE A 117 2.84 4.37 -18.85
O MSE A 117 2.07 5.22 -19.30
CB MSE A 117 5.10 5.44 -18.89
CG MSE A 117 5.20 5.49 -17.36
SE MSE A 117 6.05 7.13 -16.67
CE MSE A 117 7.88 6.83 -17.26
N VAL A 118 2.49 3.49 -17.92
CA VAL A 118 1.18 3.59 -17.27
C VAL A 118 1.39 3.75 -15.77
N PHE A 119 0.90 4.86 -15.22
CA PHE A 119 1.07 5.18 -13.81
C PHE A 119 -0.29 5.03 -13.16
N THR A 120 -0.38 4.14 -12.18
CA THR A 120 -1.64 3.89 -11.49
C THR A 120 -1.44 4.15 -10.00
N GLU A 121 -2.33 4.93 -9.41
CA GLU A 121 -2.19 5.20 -7.99
C GLU A 121 -3.50 4.84 -7.32
N GLN A 122 -3.39 4.05 -6.27
CA GLN A 122 -4.51 3.67 -5.43
C GLN A 122 -4.25 4.39 -4.12
N VAL A 123 -5.10 5.35 -3.78
CA VAL A 123 -4.80 6.24 -2.67
C VAL A 123 -5.93 6.29 -1.66
N VAL A 124 -5.59 6.60 -0.41
CA VAL A 124 -6.58 6.89 0.62
C VAL A 124 -6.25 8.27 1.20
N PHE A 125 -7.24 9.14 1.21
CA PHE A 125 -7.14 10.47 1.81
C PHE A 125 -7.76 10.48 3.21
N LEU A 126 -7.06 11.10 4.16
CA LEU A 126 -7.34 10.92 5.57
C LEU A 126 -7.93 12.13 6.29
N ASP A 127 -8.96 11.84 7.09
CA ASP A 127 -9.44 12.78 8.11
C ASP A 127 -9.90 14.10 7.54
N GLY A 128 -10.53 14.03 6.37
CA GLY A 128 -11.08 15.21 5.74
C GLY A 128 -10.12 16.02 4.88
N TYR A 129 -8.90 15.52 4.68
CA TYR A 129 -8.02 16.20 3.75
C TYR A 129 -8.76 16.37 2.44
N GLY A 130 -8.87 17.60 1.96
CA GLY A 130 -9.64 17.89 0.76
C GLY A 130 -8.83 17.77 -0.51
N ASP A 131 -8.68 16.56 -1.04
CA ASP A 131 -7.94 16.40 -2.30
C ASP A 131 -8.61 17.10 -3.49
N ASN A 132 -9.87 16.79 -3.73
CA ASN A 132 -10.63 17.37 -4.83
C ASN A 132 -9.95 17.31 -6.21
N GLY A 133 -9.23 16.23 -6.49
CA GLY A 133 -8.61 16.05 -7.80
C GLY A 133 -7.18 16.53 -7.92
N ALA A 134 -6.64 17.10 -6.84
CA ALA A 134 -5.32 17.73 -6.86
C ALA A 134 -4.16 16.74 -7.02
N ARG A 135 -4.32 15.54 -6.47
CA ARG A 135 -3.25 14.54 -6.55
C ARG A 135 -3.10 14.09 -8.00
N LEU A 136 -4.21 13.83 -8.67
CA LEU A 136 -4.16 13.47 -10.09
C LEU A 136 -3.55 14.63 -10.90
N GLN A 137 -4.06 15.84 -10.70
CA GLN A 137 -3.51 16.99 -11.42
C GLN A 137 -2.01 17.21 -11.19
N GLY A 138 -1.57 17.05 -9.95
CA GLY A 138 -0.16 17.21 -9.63
C GLY A 138 0.72 16.13 -10.21
N THR A 139 0.15 14.93 -10.34
CA THR A 139 0.90 13.82 -10.91
C THR A 139 1.03 14.00 -12.42
N GLU A 140 -0.01 14.51 -13.05
CA GLU A 140 0.05 14.83 -14.48
C GLU A 140 1.18 15.83 -14.74
N ILE A 141 1.28 16.84 -13.88
CA ILE A 141 2.31 17.85 -14.01
C ILE A 141 3.69 17.26 -13.75
N GLY A 142 3.80 16.43 -12.72
CA GLY A 142 5.04 15.76 -12.39
C GLY A 142 5.52 14.89 -13.53
N LEU A 143 4.61 14.16 -14.14
CA LEU A 143 4.98 13.34 -15.29
C LEU A 143 5.36 14.20 -16.53
N ASP A 144 4.74 15.37 -16.68
CA ASP A 144 5.20 16.35 -17.67
C ASP A 144 6.65 16.76 -17.41
N ASN A 145 7.01 16.90 -16.14
CA ASN A 145 8.39 17.23 -15.80
C ASN A 145 9.39 16.11 -16.11
N LEU A 146 8.96 14.86 -15.88
CA LEU A 146 9.78 13.72 -16.29
C LEU A 146 10.04 13.75 -17.80
N GLU A 147 9.01 14.05 -18.57
CA GLU A 147 9.16 14.13 -20.02
C GLU A 147 10.14 15.22 -20.43
N LEU A 148 10.03 16.40 -19.82
CA LEU A 148 10.96 17.48 -20.14
C LEU A 148 12.38 17.11 -19.75
N PHE A 149 12.52 16.45 -18.60
CA PHE A 149 13.83 16.00 -18.14
C PHE A 149 14.48 15.07 -19.16
N LEU A 150 13.71 14.10 -19.65
CA LEU A 150 14.19 13.16 -20.67
C LEU A 150 14.57 13.88 -21.97
N VAL A 151 13.73 14.82 -22.40
CA VAL A 151 14.03 15.60 -23.61
C VAL A 151 15.34 16.37 -23.49
N ARG A 152 15.58 16.95 -22.32
CA ARG A 152 16.74 17.80 -22.14
C ARG A 152 18.03 17.06 -21.88
N GLU A 153 17.96 15.75 -21.63
CA GLU A 153 19.20 14.98 -21.52
C GLU A 153 19.53 14.21 -22.81
N THR A 154 18.60 14.25 -23.77
CA THR A 154 18.81 13.70 -25.11
C THR A 154 20.25 13.82 -25.60
N THR B 3 6.12 -12.70 -18.99
CA THR B 3 5.08 -11.79 -19.48
C THR B 3 4.49 -10.94 -18.35
N ARG B 4 4.96 -9.70 -18.24
CA ARG B 4 4.65 -8.84 -17.11
C ARG B 4 3.37 -8.06 -17.30
N SER B 5 2.60 -7.93 -16.22
CA SER B 5 1.30 -7.28 -16.29
C SER B 5 0.78 -7.03 -14.89
N ALA B 6 -0.26 -6.19 -14.81
CA ALA B 6 -0.80 -5.80 -13.51
C ALA B 6 -2.31 -5.56 -13.62
N GLU B 7 -3.04 -6.12 -12.67
CA GLU B 7 -4.49 -5.94 -12.64
C GLU B 7 -4.82 -5.28 -11.32
N HIS B 8 -5.50 -4.14 -11.36
CA HIS B 8 -5.85 -3.41 -10.14
C HIS B 8 -7.29 -3.58 -9.77
N THR B 9 -7.56 -3.67 -8.48
CA THR B 9 -8.93 -3.66 -8.02
C THR B 9 -8.98 -3.21 -6.56
N THR B 10 -10.19 -2.87 -6.13
CA THR B 10 -10.45 -2.43 -4.77
C THR B 10 -11.66 -3.22 -4.31
N PHE B 11 -11.62 -3.75 -3.09
CA PHE B 11 -12.83 -4.32 -2.50
C PHE B 11 -13.05 -3.81 -1.08
N VAL B 12 -14.31 -3.85 -0.64
CA VAL B 12 -14.69 -3.39 0.69
C VAL B 12 -15.51 -4.46 1.41
N ILE B 13 -15.14 -4.73 2.65
CA ILE B 13 -15.94 -5.59 3.53
C ILE B 13 -16.34 -4.79 4.76
N GLU B 14 -17.64 -4.76 5.04
CA GLU B 14 -18.15 -4.11 6.24
C GLU B 14 -18.81 -5.16 7.11
N ARG B 15 -18.45 -5.17 8.40
CA ARG B 15 -19.06 -6.06 9.36
C ARG B 15 -19.55 -5.27 10.56
N ARG B 16 -20.62 -5.74 11.19
CA ARG B 16 -21.02 -5.24 12.50
C ARG B 16 -20.62 -6.28 13.53
N LEU B 17 -19.68 -5.93 14.40
CA LEU B 17 -19.15 -6.88 15.38
C LEU B 17 -19.84 -6.69 16.73
N THR B 18 -20.19 -7.80 17.38
CA THR B 18 -20.88 -7.74 18.67
C THR B 18 -19.88 -7.62 19.84
N ALA B 19 -18.90 -6.73 19.68
CA ALA B 19 -17.86 -6.52 20.68
C ALA B 19 -17.54 -5.03 20.73
N PRO B 20 -17.09 -4.54 21.90
CA PRO B 20 -16.71 -3.12 22.03
C PRO B 20 -15.41 -2.83 21.29
N VAL B 21 -15.25 -1.59 20.82
CA VAL B 21 -14.14 -1.25 19.93
C VAL B 21 -12.75 -1.52 20.53
N ALA B 22 -12.60 -1.28 21.82
CA ALA B 22 -11.33 -1.53 22.49
C ALA B 22 -10.89 -2.99 22.31
N ARG B 23 -11.84 -3.91 22.50
CA ARG B 23 -11.55 -5.32 22.39
C ARG B 23 -11.27 -5.71 20.94
N VAL B 24 -12.07 -5.16 20.03
CA VAL B 24 -11.89 -5.42 18.61
C VAL B 24 -10.51 -4.96 18.17
N PHE B 25 -10.12 -3.76 18.59
CA PHE B 25 -8.82 -3.22 18.19
C PHE B 25 -7.66 -4.04 18.77
N ARG B 26 -7.81 -4.52 20.01
CA ARG B 26 -6.76 -5.34 20.62
C ARG B 26 -6.57 -6.68 19.89
N ALA B 27 -7.60 -7.15 19.22
CA ALA B 27 -7.47 -8.38 18.44
C ALA B 27 -6.53 -8.17 17.25
N TRP B 28 -6.38 -6.91 16.82
CA TRP B 28 -5.47 -6.56 15.71
C TRP B 28 -4.10 -6.15 16.24
N SER B 29 -4.08 -5.59 17.44
CA SER B 29 -2.87 -4.94 17.92
C SER B 29 -2.00 -5.88 18.74
N THR B 30 -2.55 -7.02 19.13
CA THR B 30 -1.88 -7.93 20.05
C THR B 30 -1.36 -9.14 19.27
N PRO B 31 -0.03 -9.30 19.20
CA PRO B 31 0.56 -10.40 18.44
C PRO B 31 -0.08 -11.77 18.74
N GLU B 32 -0.23 -12.12 20.02
CA GLU B 32 -0.76 -13.44 20.35
C GLU B 32 -2.21 -13.58 19.91
N SER B 33 -2.96 -12.49 19.92
CA SER B 33 -4.35 -12.54 19.46
C SER B 33 -4.43 -12.66 17.95
N LYS B 34 -3.72 -11.76 17.26
CA LYS B 34 -3.74 -11.74 15.80
C LYS B 34 -3.34 -13.10 15.22
N ARG B 35 -2.29 -13.70 15.78
CA ARG B 35 -1.81 -15.00 15.32
C ARG B 35 -2.90 -16.06 15.39
N GLN B 36 -3.71 -16.01 16.44
CA GLN B 36 -4.76 -17.01 16.61
C GLN B 36 -5.80 -16.99 15.50
N TRP B 37 -6.24 -15.80 15.08
CA TRP B 37 -7.30 -15.75 14.07
C TRP B 37 -6.80 -15.54 12.65
N PHE B 38 -5.58 -15.03 12.51
CA PHE B 38 -5.04 -14.73 11.20
C PHE B 38 -4.12 -15.86 10.76
N ALA B 39 -3.27 -16.35 11.66
CA ALA B 39 -2.20 -17.27 11.31
C ALA B 39 -2.48 -18.76 11.58
N CYS B 40 -3.60 -19.07 12.23
CA CYS B 40 -3.84 -20.45 12.66
C CYS B 40 -4.79 -21.26 11.78
N HIS B 41 -4.31 -21.63 10.59
CA HIS B 41 -5.06 -22.49 9.67
C HIS B 41 -4.16 -23.02 8.56
N GLY B 42 -4.29 -24.32 8.26
CA GLY B 42 -5.19 -25.20 8.97
C GLY B 42 -4.58 -26.60 9.01
N GLU B 43 -4.55 -27.23 7.84
CA GLU B 43 -3.76 -28.45 7.64
C GLU B 43 -2.43 -28.05 7.00
N TRP B 44 -2.20 -26.74 6.95
CA TRP B 44 -0.95 -26.18 6.45
C TRP B 44 0.10 -26.09 7.56
N VAL B 45 1.34 -25.86 7.17
CA VAL B 45 2.45 -25.78 8.12
C VAL B 45 2.76 -24.32 8.46
N PRO B 46 2.48 -23.91 9.71
CA PRO B 46 2.92 -22.57 10.12
C PRO B 46 4.44 -22.54 10.25
N LEU B 47 5.07 -21.55 9.62
CA LEU B 47 6.52 -21.49 9.60
C LEU B 47 7.05 -20.26 10.33
N GLU B 48 6.36 -19.13 10.20
CA GLU B 48 6.74 -17.94 10.96
C GLU B 48 5.58 -16.97 11.13
N TYR B 49 5.42 -16.47 12.35
CA TYR B 49 4.52 -15.34 12.56
C TYR B 49 5.18 -14.30 13.46
N ALA B 50 5.07 -13.04 13.08
CA ALA B 50 5.57 -11.97 13.94
C ALA B 50 4.78 -10.69 13.70
N LEU B 51 4.54 -9.95 14.77
CA LEU B 51 3.83 -8.69 14.67
C LEU B 51 4.56 -7.62 15.48
N ASP B 52 4.91 -6.52 14.82
CA ASP B 52 5.46 -5.34 15.47
C ASP B 52 4.49 -4.20 15.18
N PHE B 53 3.50 -4.02 16.04
CA PHE B 53 2.37 -3.13 15.77
C PHE B 53 2.63 -1.66 16.16
N ARG B 54 3.14 -0.92 15.19
CA ARG B 54 3.45 0.50 15.33
C ARG B 54 3.63 1.01 13.92
N PRO B 55 3.45 2.33 13.70
CA PRO B 55 3.78 2.84 12.36
C PRO B 55 5.22 2.51 12.04
N GLY B 56 5.48 1.97 10.85
CA GLY B 56 6.81 1.58 10.44
C GLY B 56 7.14 0.15 10.79
N GLY B 57 6.33 -0.46 11.66
CA GLY B 57 6.53 -1.84 12.07
C GLY B 57 6.11 -2.85 11.03
N THR B 58 6.55 -4.09 11.17
CA THR B 58 6.22 -5.11 10.19
C THR B 58 5.43 -6.26 10.77
N GLU B 59 4.73 -6.97 9.90
CA GLU B 59 4.07 -8.21 10.27
C GLU B 59 4.45 -9.24 9.22
N ARG B 60 4.73 -10.46 9.68
CA ARG B 60 5.06 -11.56 8.78
C ARG B 60 4.16 -12.74 9.09
N ASN B 61 3.65 -13.39 8.06
CA ASN B 61 2.93 -14.63 8.27
C ASN B 61 3.31 -15.57 7.13
N TYR B 62 4.16 -16.56 7.45
CA TYR B 62 4.69 -17.48 6.43
C TYR B 62 4.17 -18.84 6.74
N THR B 63 3.52 -19.47 5.76
CA THR B 63 2.93 -20.78 5.96
C THR B 63 3.18 -21.60 4.70
N ALA B 64 3.36 -22.90 4.87
CA ALA B 64 3.53 -23.77 3.71
C ALA B 64 2.23 -24.53 3.48
N ASP B 65 1.79 -24.60 2.22
CA ASP B 65 0.64 -25.42 1.91
C ASP B 65 1.04 -26.90 1.86
N THR B 66 0.05 -27.79 1.75
CA THR B 66 0.32 -29.21 1.82
C THR B 66 1.24 -29.72 0.71
N ASP B 67 1.50 -28.90 -0.31
CA ASP B 67 2.38 -29.33 -1.40
C ASP B 67 3.75 -28.66 -1.29
N GLY B 68 3.96 -27.98 -0.17
CA GLY B 68 5.24 -27.39 0.14
C GLY B 68 5.48 -25.99 -0.38
N LEU B 69 4.47 -25.37 -0.99
CA LEU B 69 4.65 -24.01 -1.50
C LEU B 69 4.56 -23.01 -0.35
N LEU B 70 5.57 -22.16 -0.22
CA LEU B 70 5.57 -21.16 0.85
C LEU B 70 4.67 -19.98 0.51
N HIS B 71 3.68 -19.74 1.34
CA HIS B 71 2.84 -18.56 1.21
C HIS B 71 3.41 -17.52 2.16
N ALA B 72 4.03 -16.47 1.62
CA ALA B 72 4.69 -15.49 2.46
C ALA B 72 3.95 -14.17 2.41
N TYR B 73 3.40 -13.77 3.56
CA TYR B 73 2.71 -12.50 3.73
C TYR B 73 3.67 -11.58 4.48
N ASP B 74 3.98 -10.43 3.91
CA ASP B 74 4.80 -9.42 4.61
C ASP B 74 4.08 -8.08 4.54
N ALA B 75 3.82 -7.48 5.70
CA ALA B 75 3.13 -6.21 5.78
C ALA B 75 3.98 -5.17 6.50
N ARG B 76 3.72 -3.90 6.20
CA ARG B 76 4.33 -2.79 6.91
C ARG B 76 3.26 -1.77 7.27
N TYR B 77 3.14 -1.45 8.55
CA TYR B 77 2.14 -0.49 9.02
C TYR B 77 2.53 0.93 8.61
N ILE B 78 1.52 1.68 8.20
CA ILE B 78 1.73 3.06 7.76
C ILE B 78 1.14 4.04 8.76
N ASP B 79 -0.08 3.75 9.20
CA ASP B 79 -0.81 4.67 10.07
C ASP B 79 -1.63 3.85 11.04
N ILE B 80 -1.58 4.23 12.30
CA ILE B 80 -2.35 3.56 13.33
C ILE B 80 -2.93 4.62 14.25
N VAL B 81 -4.26 4.66 14.31
CA VAL B 81 -4.95 5.51 15.27
C VAL B 81 -5.69 4.60 16.24
N PRO B 82 -5.23 4.55 17.50
CA PRO B 82 -5.74 3.61 18.50
C PRO B 82 -7.26 3.56 18.56
N ASP B 83 -7.82 2.36 18.41
CA ASP B 83 -9.27 2.13 18.50
C ASP B 83 -10.03 2.75 17.34
N THR B 84 -9.31 3.18 16.29
CA THR B 84 -9.95 3.96 15.25
C THR B 84 -9.58 3.51 13.84
N ARG B 85 -8.29 3.36 13.57
CA ARG B 85 -7.88 3.04 12.22
C ARG B 85 -6.50 2.40 12.15
N ILE B 86 -6.36 1.48 11.20
CA ILE B 86 -5.08 0.85 10.90
C ILE B 86 -4.93 0.90 9.38
N ILE B 87 -3.80 1.43 8.91
CA ILE B 87 -3.48 1.38 7.49
C ILE B 87 -2.15 0.68 7.32
N TYR B 88 -2.11 -0.30 6.41
CA TYR B 88 -0.85 -0.98 6.15
C TYR B 88 -0.73 -1.39 4.69
N ALA B 89 0.50 -1.59 4.21
CA ALA B 89 0.70 -2.11 2.87
C ALA B 89 1.26 -3.51 3.01
N TYR B 90 0.87 -4.43 2.14
CA TYR B 90 1.48 -5.76 2.21
C TYR B 90 1.75 -6.36 0.83
N GLU B 91 2.67 -7.33 0.81
CA GLU B 91 2.96 -8.09 -0.40
C GLU B 91 2.73 -9.56 -0.09
N MSE B 92 2.28 -10.29 -1.10
CA MSE B 92 2.13 -11.73 -0.98
C MSE B 92 3.07 -12.35 -2.02
O MSE B 92 3.06 -11.95 -3.20
CB MSE B 92 0.67 -12.14 -1.24
CG MSE B 92 -0.14 -12.40 0.02
SE MSE B 92 0.39 -14.13 0.78
CE MSE B 92 0.07 -15.27 -0.77
N LYS B 93 3.91 -13.28 -1.56
CA LYS B 93 4.78 -14.06 -2.44
C LYS B 93 4.46 -15.53 -2.30
N LEU B 94 4.51 -16.25 -3.42
CA LEU B 94 4.38 -17.70 -3.42
C LEU B 94 5.76 -18.23 -3.84
N GLY B 95 6.44 -18.94 -2.94
CA GLY B 95 7.85 -19.19 -3.14
C GLY B 95 8.56 -17.85 -3.19
N GLN B 96 9.35 -17.62 -4.24
CA GLN B 96 9.99 -16.32 -4.41
C GLN B 96 9.28 -15.46 -5.45
N THR B 97 8.07 -15.86 -5.84
CA THR B 97 7.31 -15.13 -6.85
C THR B 97 6.29 -14.21 -6.21
N ARG B 98 6.45 -12.90 -6.42
CA ARG B 98 5.48 -11.95 -5.88
C ARG B 98 4.22 -12.00 -6.72
N ILE B 99 3.07 -12.16 -6.08
CA ILE B 99 1.82 -12.28 -6.82
C ILE B 99 0.94 -11.05 -6.66
N SER B 100 1.13 -10.30 -5.57
CA SER B 100 0.31 -9.12 -5.31
C SER B 100 0.93 -8.16 -4.32
N ALA B 101 0.47 -6.91 -4.39
CA ALA B 101 0.75 -5.89 -3.38
C ALA B 101 -0.54 -5.18 -3.07
N SER B 102 -0.72 -4.72 -1.83
CA SER B 102 -1.99 -4.14 -1.41
C SER B 102 -1.80 -2.99 -0.43
N LEU B 103 -2.75 -2.07 -0.46
CA LEU B 103 -2.87 -1.07 0.58
C LEU B 103 -4.20 -1.35 1.29
N VAL B 104 -4.14 -1.59 2.58
CA VAL B 104 -5.34 -1.94 3.34
C VAL B 104 -5.65 -0.84 4.34
N THR B 105 -6.93 -0.47 4.40
CA THR B 105 -7.44 0.46 5.41
C THR B 105 -8.50 -0.27 6.24
N VAL B 106 -8.28 -0.30 7.55
CA VAL B 106 -9.26 -0.87 8.45
C VAL B 106 -9.74 0.23 9.38
N ALA B 107 -11.04 0.51 9.35
CA ALA B 107 -11.60 1.62 10.11
C ALA B 107 -12.64 1.09 11.10
N PHE B 108 -12.56 1.54 12.35
CA PHE B 108 -13.45 1.07 13.42
C PHE B 108 -14.33 2.21 13.93
N ASP B 109 -15.62 1.96 14.09
CA ASP B 109 -16.54 2.99 14.58
C ASP B 109 -17.42 2.43 15.68
N VAL B 110 -17.61 3.17 16.75
CA VAL B 110 -18.50 2.74 17.81
C VAL B 110 -19.94 2.84 17.33
N GLU B 111 -20.71 1.78 17.54
CA GLU B 111 -22.14 1.77 17.20
C GLU B 111 -22.92 1.80 18.51
N PRO B 112 -24.23 2.15 18.45
CA PRO B 112 -25.07 2.05 19.65
C PRO B 112 -24.85 0.71 20.34
N SER B 113 -24.86 -0.37 19.57
CA SER B 113 -24.45 -1.67 20.07
C SER B 113 -23.32 -2.21 19.20
N GLY B 114 -22.17 -2.44 19.83
CA GLY B 114 -21.02 -3.03 19.15
C GLY B 114 -20.15 -2.10 18.31
N THR B 115 -19.48 -2.71 17.33
CA THR B 115 -18.51 -1.98 16.52
C THR B 115 -18.76 -2.19 15.04
N ARG B 116 -18.72 -1.10 14.28
CA ARG B 116 -18.72 -1.21 12.82
C ARG B 116 -17.28 -1.26 12.36
N MSE B 117 -16.95 -2.28 11.58
CA MSE B 117 -15.61 -2.37 11.01
C MSE B 117 -15.71 -2.31 9.50
O MSE B 117 -16.48 -3.05 8.90
CB MSE B 117 -14.93 -3.67 11.44
CG MSE B 117 -13.48 -3.77 11.04
SE MSE B 117 -12.79 -5.59 11.31
CE MSE B 117 -14.10 -6.59 10.25
N VAL B 118 -14.92 -1.45 8.87
CA VAL B 118 -14.89 -1.38 7.42
C VAL B 118 -13.46 -1.66 6.93
N PHE B 119 -13.32 -2.74 6.17
CA PHE B 119 -12.03 -3.19 5.68
C PHE B 119 -11.99 -2.87 4.20
N THR B 120 -11.06 -2.02 3.79
CA THR B 120 -10.91 -1.67 2.37
C THR B 120 -9.54 -2.09 1.88
N GLU B 121 -9.51 -2.83 0.78
CA GLU B 121 -8.24 -3.26 0.22
C GLU B 121 -8.09 -2.78 -1.22
N GLN B 122 -6.98 -2.10 -1.49
CA GLN B 122 -6.64 -1.68 -2.83
C GLN B 122 -5.48 -2.56 -3.23
N VAL B 123 -5.70 -3.42 -4.22
CA VAL B 123 -4.73 -4.45 -4.57
C VAL B 123 -4.30 -4.39 -6.05
N VAL B 124 -3.08 -4.84 -6.32
CA VAL B 124 -2.63 -5.06 -7.69
C VAL B 124 -2.15 -6.49 -7.74
N PHE B 125 -2.67 -7.26 -8.69
CA PHE B 125 -2.25 -8.64 -8.92
C PHE B 125 -1.25 -8.67 -10.06
N LEU B 126 -0.17 -9.42 -9.88
CA LEU B 126 0.97 -9.30 -10.80
C LEU B 126 1.13 -10.47 -11.75
N ASP B 127 1.45 -10.16 -13.01
CA ASP B 127 1.97 -11.14 -13.97
C ASP B 127 1.06 -12.31 -14.22
N GLY B 128 -0.24 -12.04 -14.23
CA GLY B 128 -1.21 -13.03 -14.64
C GLY B 128 -1.68 -13.94 -13.53
N TYR B 129 -1.26 -13.66 -12.31
CA TYR B 129 -1.78 -14.41 -11.18
C TYR B 129 -3.28 -14.26 -11.18
N GLY B 130 -3.98 -15.38 -11.40
CA GLY B 130 -5.42 -15.36 -11.57
C GLY B 130 -6.14 -15.37 -10.24
N ASP B 131 -6.43 -14.18 -9.74
CA ASP B 131 -7.15 -14.07 -8.48
C ASP B 131 -8.62 -14.42 -8.65
N ASN B 132 -9.29 -13.74 -9.58
CA ASN B 132 -10.70 -13.99 -9.87
C ASN B 132 -11.61 -13.92 -8.64
N GLY B 133 -11.33 -12.97 -7.75
CA GLY B 133 -12.17 -12.74 -6.58
C GLY B 133 -11.80 -13.54 -5.35
N ALA B 134 -10.71 -14.31 -5.43
CA ALA B 134 -10.29 -15.20 -4.35
C ALA B 134 -9.76 -14.46 -3.12
N ARG B 135 -9.16 -13.30 -3.34
CA ARG B 135 -8.60 -12.53 -2.22
C ARG B 135 -9.76 -12.00 -1.38
N LEU B 136 -10.78 -11.48 -2.05
CA LEU B 136 -11.97 -11.00 -1.36
C LEU B 136 -12.58 -12.13 -0.54
N GLN B 137 -12.74 -13.28 -1.17
N GLN B 137 -12.77 -13.28 -1.16
CA GLN B 137 -13.37 -14.44 -0.54
CA GLN B 137 -13.39 -14.41 -0.46
C GLN B 137 -12.55 -14.95 0.65
C GLN B 137 -12.54 -14.85 0.72
N GLY B 138 -11.22 -14.91 0.52
CA GLY B 138 -10.32 -15.32 1.58
C GLY B 138 -10.31 -14.35 2.73
N THR B 139 -10.50 -13.08 2.40
CA THR B 139 -10.56 -12.02 3.41
C THR B 139 -11.87 -12.10 4.19
N GLU B 140 -12.97 -12.33 3.49
CA GLU B 140 -14.27 -12.57 4.13
C GLU B 140 -14.17 -13.72 5.13
N ILE B 141 -13.47 -14.79 4.76
CA ILE B 141 -13.32 -15.94 5.65
C ILE B 141 -12.42 -15.57 6.83
N GLY B 142 -11.36 -14.82 6.55
CA GLY B 142 -10.45 -14.40 7.60
C GLY B 142 -11.12 -13.50 8.62
N LEU B 143 -12.00 -12.61 8.15
CA LEU B 143 -12.73 -11.72 9.06
C LEU B 143 -13.79 -12.47 9.86
N ASP B 144 -14.27 -13.58 9.30
CA ASP B 144 -15.13 -14.51 10.04
C ASP B 144 -14.38 -15.14 11.19
N ASN B 145 -13.11 -15.44 10.99
CA ASN B 145 -12.27 -16.00 12.06
C ASN B 145 -12.00 -14.99 13.16
N LEU B 146 -11.87 -13.71 12.78
CA LEU B 146 -11.73 -12.66 13.76
C LEU B 146 -12.96 -12.64 14.67
N GLU B 147 -14.13 -12.77 14.06
CA GLU B 147 -15.40 -12.73 14.80
C GLU B 147 -15.49 -13.89 15.78
N LEU B 148 -15.07 -15.07 15.35
CA LEU B 148 -15.08 -16.23 16.24
C LEU B 148 -14.09 -16.02 17.36
N PHE B 149 -12.94 -15.41 17.06
CA PHE B 149 -11.94 -15.15 18.08
C PHE B 149 -12.53 -14.24 19.17
N LEU B 150 -13.20 -13.18 18.74
CA LEU B 150 -13.80 -12.22 19.64
C LEU B 150 -14.89 -12.87 20.50
N VAL B 151 -15.72 -13.70 19.86
CA VAL B 151 -16.79 -14.40 20.56
C VAL B 151 -16.22 -15.27 21.69
N ARG B 152 -15.14 -16.00 21.40
CA ARG B 152 -14.56 -16.92 22.36
C ARG B 152 -13.72 -16.26 23.44
N GLU B 153 -13.49 -14.97 23.29
CA GLU B 153 -12.75 -14.20 24.28
C GLU B 153 -13.71 -13.45 25.18
N THR B 154 -15.00 -13.51 24.85
CA THR B 154 -16.06 -12.79 25.56
C THR B 154 -16.12 -13.16 27.03
N SER B 155 -16.36 -12.17 27.89
CA SER B 155 -16.61 -12.39 29.31
C SER B 155 -18.07 -12.75 29.59
N PRO B 156 -18.31 -13.66 30.56
CA PRO B 156 -19.67 -14.09 30.89
C PRO B 156 -20.53 -12.96 31.48
N ILE B 157 -21.82 -13.24 31.63
CA ILE B 157 -22.81 -12.24 32.07
C ILE B 157 -22.26 -11.21 33.07
O1 HEZ C . 7.87 8.67 -7.52
C1 HEZ C . 6.88 9.62 -7.48
C2 HEZ C . 6.70 10.52 -8.67
C3 HEZ C . 5.40 10.47 -9.41
C4 HEZ C . 5.21 11.41 -10.55
C5 HEZ C . 4.58 12.74 -10.28
C6 HEZ C . 4.68 13.30 -8.91
O6 HEZ C . 4.46 14.65 -8.72
O1 HEZ D . -6.70 -12.98 5.34
C1 HEZ D . -6.70 -11.80 6.03
C2 HEZ D . -7.95 -11.35 6.72
C3 HEZ D . -7.97 -9.99 7.33
C4 HEZ D . -6.67 -9.27 7.46
C5 HEZ D . -5.67 -9.77 8.44
C6 HEZ D . -4.24 -9.37 8.28
O6 HEZ D . -3.86 -8.09 8.62
#